data_1XS9
#
_entry.id   1XS9
#
_cell.length_a   1.000
_cell.length_b   1.000
_cell.length_c   1.000
_cell.angle_alpha   90.00
_cell.angle_beta   90.00
_cell.angle_gamma   90.00
#
_symmetry.space_group_name_H-M   'P 1'
#
loop_
_entity.id
_entity.type
_entity.pdbx_description
1 polymer "5'-D(P*GP*AP*TP*TP*TP*AP*GP*CP*AP*AP*AP*AP*CP*GP*TP*GP*GP*CP*AP*T)-3'"
2 polymer "5'-D(P*AP*TP*GP*CP*CP*AP*CP*GP*TP*TP*TP*TP*GP*CP*TP*AP*AP*AP*TP*C)-3'"
3 polymer 'Multiple antibiotic resistance protein marA'
4 polymer 'DNA-directed RNA polymerase alpha chain'
#
loop_
_entity_poly.entity_id
_entity_poly.type
_entity_poly.pdbx_seq_one_letter_code
_entity_poly.pdbx_strand_id
1 'polydeoxyribonucleotide' (DG)(DA)(DT)(DT)(DT)(DA)(DG)(DC)(DA)(DA)(DA)(DA)(DC)(DG)(DT)(DG)(DG)(DC)(DA)(DT) B
2 'polydeoxyribonucleotide' (DA)(DT)(DG)(DC)(DC)(DA)(DC)(DG)(DT)(DT)(DT)(DT)(DG)(DC)(DT)(DA)(DA)(DA)(DT)(DC) C
3 'polypeptide(L)'
;GSHMTMSRRNTDAITIHSILDWIEDNLESPLSLEKVSERSGYSKWHLQRMFKKETGHSLGQYIRSRKMTEIAQKLKESNE
PILYLAERYGFESQQTLTRTFKNYFDVPPHKYRMTNMQGESRFLHPLNHYNS
;
A
4 'polypeptide(L)'
;GSHFDPILLRPVDDLELTVRSANCLKAEAIHYIGDLVQRTEVELLKTPNLGKKSLTEIKDVLASRGLSLGMRLENWPPAS
IADE
;
D
#
# COMPACT_ATOMS: atom_id res chain seq x y z
N MET C 4 25.68 7.50 -5.42
CA MET C 4 25.87 8.51 -6.50
C MET C 4 25.77 7.86 -7.87
N THR C 5 25.61 8.69 -8.90
CA THR C 5 25.51 8.23 -10.28
C THR C 5 24.30 7.32 -10.47
N MET C 6 23.12 7.89 -10.30
CA MET C 6 21.89 7.15 -10.46
C MET C 6 20.90 7.95 -11.30
N SER C 7 20.55 9.13 -10.80
CA SER C 7 19.62 10.03 -11.47
C SER C 7 18.25 9.37 -11.65
N ARG C 8 17.83 8.60 -10.65
CA ARG C 8 16.56 7.91 -10.70
C ARG C 8 15.77 8.11 -9.41
N ARG C 9 16.31 7.60 -8.30
CA ARG C 9 15.65 7.73 -7.01
C ARG C 9 16.58 8.38 -5.98
N ASN C 10 15.99 8.90 -4.92
CA ASN C 10 16.73 9.55 -3.85
C ASN C 10 16.71 8.68 -2.59
N THR C 11 17.77 8.75 -1.80
CA THR C 11 17.87 7.97 -0.57
C THR C 11 16.77 8.35 0.42
N ASP C 12 16.42 9.63 0.43
CA ASP C 12 15.36 10.13 1.30
C ASP C 12 13.99 9.77 0.75
N ALA C 13 13.97 9.33 -0.49
CA ALA C 13 12.73 8.97 -1.16
C ALA C 13 12.44 7.49 -0.99
N ILE C 14 13.45 6.64 -1.18
CA ILE C 14 13.26 5.19 -1.07
C ILE C 14 12.75 4.78 0.32
N THR C 15 13.17 5.50 1.36
CA THR C 15 12.73 5.19 2.72
C THR C 15 11.25 5.53 2.93
N ILE C 16 10.69 6.32 2.02
CA ILE C 16 9.28 6.70 2.12
C ILE C 16 8.49 6.04 0.99
N HIS C 17 9.22 5.55 -0.02
CA HIS C 17 8.62 4.91 -1.18
C HIS C 17 8.24 3.47 -0.87
N SER C 18 7.88 3.24 0.38
CA SER C 18 7.46 1.93 0.85
C SER C 18 6.42 2.13 1.95
N ILE C 19 5.81 3.32 1.95
CA ILE C 19 4.80 3.67 2.93
C ILE C 19 3.44 3.88 2.26
N LEU C 20 3.45 4.48 1.06
CA LEU C 20 2.22 4.73 0.32
C LEU C 20 1.49 3.42 0.04
N ASP C 21 2.24 2.45 -0.48
CA ASP C 21 1.70 1.15 -0.81
C ASP C 21 1.26 0.42 0.44
N TRP C 22 1.97 0.65 1.54
CA TRP C 22 1.62 0.03 2.81
C TRP C 22 0.25 0.49 3.28
N ILE C 23 0.04 1.80 3.21
CA ILE C 23 -1.22 2.41 3.63
C ILE C 23 -2.38 1.91 2.77
N GLU C 24 -2.21 2.00 1.45
CA GLU C 24 -3.24 1.59 0.50
C GLU C 24 -3.72 0.16 0.72
N ASP C 25 -2.82 -0.74 1.03
CA ASP C 25 -3.17 -2.14 1.24
C ASP C 25 -3.56 -2.41 2.69
N ASN C 26 -3.68 -1.34 3.48
CA ASN C 26 -4.04 -1.49 4.89
C ASN C 26 -5.08 -0.45 5.33
N LEU C 27 -5.76 0.18 4.39
CA LEU C 27 -6.77 1.19 4.74
C LEU C 27 -8.19 0.72 4.46
N GLU C 28 -8.33 -0.47 3.90
CA GLU C 28 -9.65 -1.00 3.56
C GLU C 28 -10.41 -1.40 4.82
N SER C 29 -9.69 -1.78 5.86
CA SER C 29 -10.31 -2.19 7.11
C SER C 29 -9.65 -1.51 8.33
N PRO C 30 -8.33 -1.68 8.53
CA PRO C 30 -7.62 -1.05 9.66
C PRO C 30 -7.49 0.46 9.49
N LEU C 31 -7.07 1.14 10.53
CA LEU C 31 -6.89 2.59 10.48
C LEU C 31 -5.56 2.89 9.82
N SER C 32 -4.51 2.23 10.31
CA SER C 32 -3.16 2.37 9.78
C SER C 32 -2.69 3.82 9.70
N LEU C 33 -2.59 4.47 10.85
CA LEU C 33 -2.11 5.85 10.91
C LEU C 33 -0.61 5.84 11.18
N GLU C 34 -0.04 6.99 11.51
CA GLU C 34 1.38 7.10 11.80
C GLU C 34 1.83 6.13 12.89
N LYS C 35 1.00 5.99 13.91
CA LYS C 35 1.32 5.09 15.03
C LYS C 35 1.33 3.63 14.57
N VAL C 36 0.50 3.31 13.58
CA VAL C 36 0.44 1.95 13.08
C VAL C 36 1.58 1.72 12.09
N SER C 37 1.94 2.77 11.36
CA SER C 37 3.02 2.71 10.39
C SER C 37 4.37 2.81 11.10
N GLU C 38 4.33 2.98 12.42
CA GLU C 38 5.54 3.09 13.23
C GLU C 38 6.37 1.82 13.11
N ARG C 39 5.70 0.69 12.96
CA ARG C 39 6.36 -0.60 12.84
C ARG C 39 6.80 -0.85 11.39
N SER C 40 6.45 0.08 10.51
CA SER C 40 6.80 -0.04 9.10
C SER C 40 7.73 1.10 8.68
N GLY C 41 8.26 1.80 9.67
CA GLY C 41 9.16 2.90 9.40
C GLY C 41 9.84 3.39 10.66
N TYR C 42 9.41 4.54 11.15
CA TYR C 42 9.98 5.12 12.36
C TYR C 42 8.88 5.71 13.23
N SER C 43 9.29 6.33 14.34
CA SER C 43 8.37 6.95 15.28
C SER C 43 7.48 7.98 14.57
N LYS C 44 6.22 8.06 15.01
CA LYS C 44 5.22 8.98 14.44
C LYS C 44 5.80 10.37 14.11
N TRP C 45 6.34 11.05 15.11
CA TRP C 45 6.89 12.40 14.95
C TRP C 45 8.02 12.46 13.92
N HIS C 46 8.74 11.36 13.72
CA HIS C 46 9.82 11.35 12.77
C HIS C 46 9.32 10.95 11.39
N LEU C 47 8.43 9.95 11.36
CA LEU C 47 7.87 9.46 10.11
C LEU C 47 7.04 10.54 9.43
N GLN C 48 6.29 11.30 10.23
CA GLN C 48 5.46 12.39 9.69
C GLN C 48 6.32 13.40 8.95
N ARG C 49 7.44 13.76 9.56
CA ARG C 49 8.37 14.72 8.97
C ARG C 49 8.95 14.18 7.66
N MET C 50 9.36 12.92 7.67
CA MET C 50 9.94 12.28 6.50
C MET C 50 8.90 12.11 5.40
N PHE C 51 7.69 11.73 5.78
CA PHE C 51 6.60 11.53 4.84
C PHE C 51 6.21 12.85 4.17
N LYS C 52 6.12 13.89 4.99
CA LYS C 52 5.74 15.23 4.52
C LYS C 52 6.78 15.81 3.58
N LYS C 53 8.05 15.54 3.83
CA LYS C 53 9.12 16.08 3.00
C LYS C 53 9.35 15.22 1.75
N GLU C 54 8.58 14.16 1.60
CA GLU C 54 8.72 13.28 0.45
C GLU C 54 7.48 13.36 -0.45
N THR C 55 6.32 13.04 0.12
CA THR C 55 5.08 13.06 -0.63
C THR C 55 4.57 14.49 -0.82
N GLY C 56 4.71 15.30 0.21
CA GLY C 56 4.26 16.67 0.16
C GLY C 56 3.06 16.89 1.05
N HIS C 57 2.39 15.80 1.40
CA HIS C 57 1.21 15.86 2.25
C HIS C 57 1.51 15.21 3.59
N SER C 58 0.66 15.48 4.57
CA SER C 58 0.80 14.92 5.89
C SER C 58 0.29 13.48 5.91
N LEU C 59 0.86 12.65 6.76
CA LEU C 59 0.46 11.24 6.86
C LEU C 59 -1.00 11.09 7.28
N GLY C 60 -1.31 11.50 8.51
CA GLY C 60 -2.68 11.40 9.02
C GLY C 60 -3.70 12.06 8.09
N GLN C 61 -3.26 13.11 7.40
CA GLN C 61 -4.13 13.82 6.47
C GLN C 61 -4.41 12.93 5.26
N TYR C 62 -3.35 12.31 4.76
CA TYR C 62 -3.43 11.42 3.61
C TYR C 62 -4.36 10.22 3.89
N ILE C 63 -4.22 9.63 5.07
CA ILE C 63 -5.03 8.49 5.46
C ILE C 63 -6.52 8.80 5.32
N ARG C 64 -6.93 9.90 5.93
CA ARG C 64 -8.34 10.32 5.87
C ARG C 64 -8.76 10.64 4.45
N SER C 65 -7.91 11.35 3.73
CA SER C 65 -8.19 11.75 2.36
C SER C 65 -8.44 10.54 1.45
N ARG C 66 -7.58 9.53 1.55
CA ARG C 66 -7.71 8.33 0.73
C ARG C 66 -8.93 7.51 1.14
N LYS C 67 -9.15 7.38 2.44
CA LYS C 67 -10.29 6.61 2.94
C LYS C 67 -11.60 7.25 2.51
N MET C 68 -11.63 8.59 2.53
CA MET C 68 -12.82 9.33 2.14
C MET C 68 -13.23 9.02 0.70
N THR C 69 -12.30 9.18 -0.24
CA THR C 69 -12.60 8.91 -1.63
C THR C 69 -12.90 7.42 -1.87
N GLU C 70 -12.24 6.55 -1.12
CA GLU C 70 -12.47 5.11 -1.26
C GLU C 70 -13.90 4.76 -0.87
N ILE C 71 -14.38 5.36 0.21
CA ILE C 71 -15.73 5.12 0.68
C ILE C 71 -16.74 5.74 -0.30
N ALA C 72 -16.40 6.93 -0.81
CA ALA C 72 -17.25 7.64 -1.76
C ALA C 72 -17.51 6.79 -3.00
N GLN C 73 -16.47 6.11 -3.48
CA GLN C 73 -16.59 5.26 -4.65
C GLN C 73 -17.51 4.08 -4.36
N LYS C 74 -17.37 3.53 -3.16
CA LYS C 74 -18.18 2.39 -2.74
C LYS C 74 -19.62 2.83 -2.42
N LEU C 75 -19.84 4.13 -2.40
CA LEU C 75 -21.16 4.67 -2.16
C LEU C 75 -21.86 4.92 -3.48
N LYS C 76 -21.06 5.09 -4.54
CA LYS C 76 -21.61 5.34 -5.86
C LYS C 76 -21.63 4.06 -6.70
N GLU C 77 -20.48 3.42 -6.82
CA GLU C 77 -20.37 2.19 -7.60
C GLU C 77 -21.04 1.03 -6.89
N SER C 78 -20.72 0.85 -5.62
CA SER C 78 -21.30 -0.21 -4.82
C SER C 78 -22.53 0.31 -4.07
N ASN C 79 -23.26 -0.58 -3.44
CA ASN C 79 -24.45 -0.20 -2.68
C ASN C 79 -24.29 -0.65 -1.22
N GLU C 80 -23.04 -0.86 -0.82
CA GLU C 80 -22.73 -1.29 0.53
C GLU C 80 -23.22 -0.26 1.54
N PRO C 81 -23.99 -0.71 2.55
CA PRO C 81 -24.56 0.16 3.59
C PRO C 81 -23.52 1.08 4.22
N ILE C 82 -23.94 2.30 4.52
CA ILE C 82 -23.08 3.30 5.13
C ILE C 82 -22.53 2.82 6.48
N LEU C 83 -23.40 2.22 7.28
CA LEU C 83 -23.02 1.69 8.59
C LEU C 83 -21.95 0.62 8.42
N TYR C 84 -22.12 -0.21 7.39
CA TYR C 84 -21.18 -1.28 7.11
C TYR C 84 -19.84 -0.70 6.69
N LEU C 85 -19.88 0.22 5.73
CA LEU C 85 -18.68 0.87 5.23
C LEU C 85 -17.92 1.53 6.37
N ALA C 86 -18.64 2.17 7.27
CA ALA C 86 -18.05 2.83 8.41
C ALA C 86 -17.29 1.84 9.30
N GLU C 87 -18.02 0.85 9.79
CA GLU C 87 -17.44 -0.17 10.66
C GLU C 87 -16.31 -0.92 9.95
N ARG C 88 -16.50 -1.15 8.66
CA ARG C 88 -15.52 -1.86 7.85
C ARG C 88 -14.23 -1.07 7.71
N TYR C 89 -14.34 0.23 7.47
CA TYR C 89 -13.18 1.09 7.28
C TYR C 89 -12.51 1.49 8.61
N GLY C 90 -13.10 1.10 9.73
CA GLY C 90 -12.49 1.41 11.01
C GLY C 90 -13.18 2.53 11.78
N PHE C 91 -14.34 2.96 11.30
CA PHE C 91 -15.07 4.02 11.98
C PHE C 91 -15.88 3.43 13.14
N GLU C 92 -15.87 4.14 14.26
CA GLU C 92 -16.59 3.70 15.45
C GLU C 92 -18.09 3.64 15.22
N SER C 93 -18.61 4.54 14.41
CA SER C 93 -20.04 4.59 14.14
C SER C 93 -20.33 5.25 12.80
N GLN C 94 -21.53 5.01 12.27
CA GLN C 94 -21.96 5.61 11.01
C GLN C 94 -21.99 7.12 11.14
N GLN C 95 -22.42 7.61 12.31
CA GLN C 95 -22.48 9.03 12.58
C GLN C 95 -21.10 9.67 12.38
N THR C 96 -20.07 8.95 12.80
CA THR C 96 -18.70 9.42 12.65
C THR C 96 -18.34 9.58 11.18
N LEU C 97 -18.64 8.54 10.40
CA LEU C 97 -18.35 8.57 8.96
C LEU C 97 -19.12 9.70 8.29
N THR C 98 -20.35 9.90 8.71
CA THR C 98 -21.19 10.95 8.17
C THR C 98 -20.55 12.31 8.43
N ARG C 99 -19.95 12.46 9.60
CA ARG C 99 -19.29 13.71 9.97
C ARG C 99 -18.05 13.94 9.10
N THR C 100 -17.21 12.92 8.99
CA THR C 100 -15.99 13.00 8.20
C THR C 100 -16.30 13.29 6.73
N PHE C 101 -17.27 12.56 6.19
CA PHE C 101 -17.66 12.70 4.80
C PHE C 101 -18.21 14.10 4.53
N LYS C 102 -19.04 14.59 5.42
CA LYS C 102 -19.65 15.91 5.28
C LYS C 102 -18.60 17.01 5.41
N ASN C 103 -17.58 16.78 6.22
CA ASN C 103 -16.52 17.76 6.42
C ASN C 103 -15.41 17.60 5.40
N TYR C 104 -15.64 16.75 4.42
CA TYR C 104 -14.65 16.51 3.38
C TYR C 104 -15.24 16.78 1.99
N PHE C 105 -16.30 16.07 1.66
CA PHE C 105 -16.96 16.21 0.36
C PHE C 105 -18.08 17.24 0.44
N ASP C 106 -18.46 17.60 1.67
CA ASP C 106 -19.52 18.58 1.95
C ASP C 106 -20.90 18.01 1.62
N VAL C 107 -20.93 16.78 1.16
CA VAL C 107 -22.18 16.12 0.80
C VAL C 107 -22.36 14.88 1.67
N PRO C 108 -23.55 14.70 2.27
CA PRO C 108 -23.85 13.53 3.11
C PRO C 108 -23.62 12.22 2.37
N PRO C 109 -23.04 11.23 3.05
CA PRO C 109 -22.75 9.91 2.47
C PRO C 109 -23.93 9.30 1.71
N HIS C 110 -25.12 9.37 2.30
CA HIS C 110 -26.32 8.82 1.68
C HIS C 110 -26.72 9.59 0.44
N LYS C 111 -26.53 10.91 0.48
CA LYS C 111 -26.88 11.75 -0.66
C LYS C 111 -25.86 11.56 -1.77
N TYR C 112 -24.59 11.40 -1.41
CA TYR C 112 -23.52 11.19 -2.39
C TYR C 112 -23.80 9.94 -3.22
N ARG C 113 -24.45 8.98 -2.59
CA ARG C 113 -24.81 7.72 -3.23
C ARG C 113 -25.88 7.94 -4.29
N MET C 114 -26.74 8.92 -4.06
CA MET C 114 -27.83 9.21 -4.99
C MET C 114 -27.51 10.36 -5.94
N THR C 115 -26.46 11.12 -5.65
CA THR C 115 -26.08 12.23 -6.51
C THR C 115 -25.37 11.73 -7.76
N ASN C 116 -26.05 11.84 -8.89
CA ASN C 116 -25.49 11.40 -10.17
C ASN C 116 -24.58 12.48 -10.75
N MET C 117 -24.81 13.72 -10.35
CA MET C 117 -24.02 14.84 -10.83
C MET C 117 -22.66 14.88 -10.16
N GLN C 118 -22.58 14.28 -8.98
CA GLN C 118 -21.32 14.23 -8.24
C GLN C 118 -20.38 13.21 -8.87
N GLY C 119 -19.12 13.59 -9.03
CA GLY C 119 -18.17 12.69 -9.64
C GLY C 119 -16.86 12.61 -8.88
N GLU C 120 -15.76 12.65 -9.61
CA GLU C 120 -14.43 12.56 -9.02
C GLU C 120 -13.96 13.94 -8.57
N SER C 121 -14.50 14.40 -7.45
CA SER C 121 -14.14 15.69 -6.89
C SER C 121 -13.55 15.51 -5.50
N ARG C 122 -12.34 16.04 -5.29
CA ARG C 122 -11.64 15.93 -4.01
C ARG C 122 -11.23 14.49 -3.76
N PHE C 123 -11.02 13.76 -4.85
CA PHE C 123 -10.63 12.36 -4.78
C PHE C 123 -9.12 12.21 -4.83
N LEU C 124 -8.52 12.01 -3.66
CA LEU C 124 -7.07 11.83 -3.59
C LEU C 124 -6.73 10.42 -4.04
N HIS C 125 -5.73 10.30 -4.91
CA HIS C 125 -5.33 9.00 -5.43
C HIS C 125 -4.17 8.42 -4.64
N PRO C 126 -3.90 7.11 -4.78
CA PRO C 126 -2.80 6.42 -4.08
C PRO C 126 -1.41 6.80 -4.60
N LEU C 127 -1.25 8.05 -4.99
CA LEU C 127 0.02 8.54 -5.49
C LEU C 127 0.65 9.45 -4.46
N ASN C 128 -0.12 10.47 -4.05
CA ASN C 128 0.31 11.44 -3.04
C ASN C 128 1.70 11.99 -3.36
N HIS C 129 1.84 12.59 -4.54
CA HIS C 129 3.11 13.14 -4.95
C HIS C 129 2.94 14.31 -5.90
N TYR C 130 1.90 14.26 -6.71
CA TYR C 130 1.64 15.32 -7.68
C TYR C 130 0.23 15.85 -7.51
N ASN C 131 0.03 16.63 -6.44
CA ASN C 131 -1.28 17.23 -6.11
C ASN C 131 -2.25 16.17 -5.58
N SER C 132 -2.02 14.94 -5.99
CA SER C 132 -2.81 13.80 -5.59
C SER C 132 -1.93 12.55 -5.67
N PHE D 4 11.53 -22.94 -17.80
CA PHE D 4 11.47 -22.11 -16.57
C PHE D 4 10.16 -21.34 -16.53
N ASP D 5 9.83 -20.78 -15.37
CA ASP D 5 8.61 -20.02 -15.21
C ASP D 5 8.82 -18.57 -15.67
N PRO D 6 7.86 -18.04 -16.45
CA PRO D 6 7.94 -16.67 -16.98
C PRO D 6 7.95 -15.58 -15.91
N ILE D 7 7.27 -15.81 -14.78
CA ILE D 7 7.23 -14.79 -13.74
C ILE D 7 8.31 -15.02 -12.69
N LEU D 8 8.87 -16.22 -12.65
CA LEU D 8 9.92 -16.54 -11.69
C LEU D 8 11.18 -15.75 -12.02
N LEU D 9 11.38 -15.48 -13.29
CA LEU D 9 12.54 -14.73 -13.75
C LEU D 9 12.17 -13.27 -13.98
N ARG D 10 11.20 -12.79 -13.22
CA ARG D 10 10.74 -11.42 -13.33
C ARG D 10 11.08 -10.64 -12.05
N PRO D 11 11.06 -9.31 -12.09
CA PRO D 11 11.32 -8.48 -10.93
C PRO D 11 10.12 -8.49 -9.99
N VAL D 12 10.37 -8.52 -8.69
CA VAL D 12 9.30 -8.53 -7.69
C VAL D 12 8.42 -7.28 -7.80
N ASP D 13 9.02 -6.20 -8.29
CA ASP D 13 8.30 -4.93 -8.45
C ASP D 13 7.31 -4.99 -9.60
N ASP D 14 7.50 -5.96 -10.49
CA ASP D 14 6.63 -6.13 -11.63
C ASP D 14 6.14 -7.57 -11.69
N LEU D 15 5.42 -7.97 -10.65
CA LEU D 15 4.88 -9.31 -10.57
C LEU D 15 3.35 -9.27 -10.59
N GLU D 16 2.82 -8.04 -10.47
CA GLU D 16 1.38 -7.80 -10.47
C GLU D 16 0.71 -8.51 -9.30
N LEU D 17 0.91 -7.95 -8.11
CA LEU D 17 0.33 -8.48 -6.89
C LEU D 17 -0.56 -7.42 -6.26
N THR D 18 -0.49 -7.31 -4.95
CA THR D 18 -1.25 -6.32 -4.22
C THR D 18 -0.50 -4.99 -4.20
N VAL D 19 -0.91 -4.08 -3.33
CA VAL D 19 -0.25 -2.79 -3.22
C VAL D 19 1.01 -2.92 -2.38
N ARG D 20 0.83 -3.24 -1.11
CA ARG D 20 1.94 -3.41 -0.19
C ARG D 20 2.47 -4.83 -0.27
N SER D 21 3.33 -5.08 -1.25
CA SER D 21 3.94 -6.38 -1.43
C SER D 21 5.07 -6.29 -2.44
N ALA D 22 4.70 -6.11 -3.70
CA ALA D 22 5.65 -6.00 -4.79
C ALA D 22 6.62 -4.83 -4.62
N ASN D 23 6.08 -3.70 -4.22
CA ASN D 23 6.87 -2.48 -4.05
C ASN D 23 7.80 -2.58 -2.83
N CYS D 24 7.32 -3.20 -1.76
CA CYS D 24 8.13 -3.33 -0.55
C CYS D 24 9.23 -4.37 -0.72
N LEU D 25 8.98 -5.40 -1.52
CA LEU D 25 9.95 -6.46 -1.75
C LEU D 25 11.22 -5.94 -2.43
N LYS D 26 11.07 -5.03 -3.38
CA LYS D 26 12.21 -4.49 -4.11
C LYS D 26 13.01 -3.50 -3.26
N ALA D 27 12.53 -3.26 -2.04
CA ALA D 27 13.20 -2.35 -1.13
C ALA D 27 14.10 -3.12 -0.17
N GLU D 28 14.09 -4.44 -0.31
CA GLU D 28 14.90 -5.31 0.54
C GLU D 28 16.00 -5.98 -0.28
N ALA D 29 16.49 -5.26 -1.29
CA ALA D 29 17.55 -5.75 -2.18
C ALA D 29 17.06 -6.94 -3.02
N ILE D 30 15.74 -7.07 -3.14
CA ILE D 30 15.15 -8.14 -3.91
C ILE D 30 14.55 -7.60 -5.19
N HIS D 31 15.24 -7.78 -6.31
CA HIS D 31 14.73 -7.29 -7.59
C HIS D 31 14.40 -8.46 -8.51
N TYR D 32 14.45 -9.67 -7.95
CA TYR D 32 14.15 -10.87 -8.71
C TYR D 32 13.43 -11.88 -7.82
N ILE D 33 12.44 -12.59 -8.37
CA ILE D 33 11.68 -13.58 -7.60
C ILE D 33 12.59 -14.70 -7.12
N GLY D 34 13.69 -14.92 -7.84
CA GLY D 34 14.63 -15.97 -7.49
C GLY D 34 15.19 -15.82 -6.08
N ASP D 35 15.31 -14.60 -5.62
CA ASP D 35 15.83 -14.33 -4.27
C ASP D 35 14.72 -14.56 -3.24
N LEU D 36 13.50 -14.22 -3.65
CA LEU D 36 12.33 -14.36 -2.79
C LEU D 36 12.06 -15.81 -2.42
N VAL D 37 12.22 -16.72 -3.38
CA VAL D 37 11.96 -18.14 -3.13
C VAL D 37 12.99 -18.75 -2.18
N GLN D 38 14.12 -18.07 -2.03
CA GLN D 38 15.19 -18.53 -1.15
C GLN D 38 15.25 -17.66 0.10
N ARG D 39 14.24 -16.81 0.25
CA ARG D 39 14.16 -15.90 1.38
C ARG D 39 13.28 -16.48 2.47
N THR D 40 13.70 -16.33 3.72
CA THR D 40 12.94 -16.84 4.84
C THR D 40 11.83 -15.85 5.21
N GLU D 41 10.58 -16.26 4.99
CA GLU D 41 9.42 -15.42 5.27
C GLU D 41 9.40 -14.97 6.73
N VAL D 42 9.81 -15.86 7.63
CA VAL D 42 9.81 -15.55 9.06
C VAL D 42 10.67 -14.33 9.38
N GLU D 43 11.62 -14.02 8.51
CA GLU D 43 12.48 -12.86 8.72
C GLU D 43 12.06 -11.73 7.79
N LEU D 44 11.74 -12.09 6.55
CA LEU D 44 11.32 -11.10 5.56
C LEU D 44 10.04 -10.39 5.97
N LEU D 45 9.08 -11.13 6.49
CA LEU D 45 7.81 -10.57 6.92
C LEU D 45 7.93 -9.90 8.28
N LYS D 46 9.11 -9.98 8.89
CA LYS D 46 9.34 -9.37 10.19
C LYS D 46 10.05 -8.03 10.03
N THR D 47 10.50 -7.76 8.81
CA THR D 47 11.18 -6.51 8.50
C THR D 47 10.26 -5.33 8.83
N PRO D 48 10.79 -4.26 9.45
CA PRO D 48 10.00 -3.08 9.82
C PRO D 48 9.45 -2.31 8.62
N ASN D 49 8.54 -2.96 7.90
CA ASN D 49 7.88 -2.39 6.73
C ASN D 49 6.97 -3.43 6.10
N LEU D 50 7.50 -4.64 5.92
CA LEU D 50 6.74 -5.73 5.33
C LEU D 50 5.50 -6.05 6.16
N GLY D 51 4.39 -6.24 5.48
CA GLY D 51 3.15 -6.56 6.16
C GLY D 51 2.82 -8.03 6.09
N LYS D 52 2.12 -8.53 7.10
CA LYS D 52 1.74 -9.94 7.17
C LYS D 52 0.73 -10.28 6.07
N LYS D 53 0.04 -9.25 5.58
CA LYS D 53 -0.96 -9.41 4.53
C LYS D 53 -0.28 -9.72 3.19
N SER D 54 1.00 -9.43 3.10
CA SER D 54 1.77 -9.68 1.89
C SER D 54 2.19 -11.14 1.80
N LEU D 55 2.22 -11.82 2.94
CA LEU D 55 2.63 -13.22 3.01
C LEU D 55 1.72 -14.09 2.15
N THR D 56 0.44 -13.75 2.12
CA THR D 56 -0.53 -14.50 1.34
C THR D 56 -0.18 -14.53 -0.14
N GLU D 57 0.23 -13.37 -0.68
CA GLU D 57 0.60 -13.27 -2.09
C GLU D 57 1.96 -13.91 -2.33
N ILE D 58 2.90 -13.67 -1.45
CA ILE D 58 4.24 -14.24 -1.58
C ILE D 58 4.20 -15.76 -1.60
N LYS D 59 3.50 -16.33 -0.61
CA LYS D 59 3.39 -17.78 -0.51
C LYS D 59 2.64 -18.36 -1.70
N ASP D 60 1.74 -17.56 -2.27
CA ASP D 60 0.96 -17.99 -3.44
C ASP D 60 1.87 -18.27 -4.62
N VAL D 61 2.81 -17.36 -4.86
CA VAL D 61 3.74 -17.48 -5.96
C VAL D 61 4.58 -18.75 -5.84
N LEU D 62 5.10 -19.01 -4.65
CA LEU D 62 5.92 -20.19 -4.40
C LEU D 62 5.10 -21.47 -4.51
N ALA D 63 3.95 -21.49 -3.86
CA ALA D 63 3.09 -22.67 -3.87
C ALA D 63 2.61 -23.02 -5.27
N SER D 64 2.15 -22.02 -6.03
CA SER D 64 1.66 -22.25 -7.37
C SER D 64 2.78 -22.57 -8.36
N ARG D 65 4.02 -22.43 -7.92
CA ARG D 65 5.17 -22.71 -8.79
C ARG D 65 5.91 -23.96 -8.33
N GLY D 66 5.46 -24.54 -7.22
CA GLY D 66 6.09 -25.74 -6.69
C GLY D 66 7.45 -25.45 -6.07
N LEU D 67 7.55 -24.32 -5.39
CA LEU D 67 8.80 -23.92 -4.76
C LEU D 67 8.68 -24.02 -3.25
N SER D 68 9.73 -24.48 -2.60
CA SER D 68 9.74 -24.64 -1.15
C SER D 68 10.35 -23.42 -0.47
N LEU D 69 10.12 -23.31 0.83
CA LEU D 69 10.65 -22.21 1.62
C LEU D 69 12.17 -22.25 1.65
N GLY D 70 12.79 -21.28 1.00
CA GLY D 70 14.24 -21.23 0.96
C GLY D 70 14.81 -22.26 0.02
N MET D 71 14.06 -22.58 -1.02
CA MET D 71 14.49 -23.56 -2.01
C MET D 71 15.61 -23.01 -2.86
N ARG D 72 16.81 -23.54 -2.65
CA ARG D 72 17.98 -23.09 -3.38
C ARG D 72 17.84 -23.34 -4.88
N LEU D 73 17.97 -22.28 -5.66
CA LEU D 73 17.89 -22.35 -7.11
C LEU D 73 19.27 -22.52 -7.71
N GLU D 74 19.38 -23.39 -8.71
CA GLU D 74 20.65 -23.64 -9.38
C GLU D 74 21.11 -22.42 -10.16
N ASN D 75 20.18 -21.78 -10.86
CA ASN D 75 20.49 -20.60 -11.65
C ASN D 75 19.26 -19.71 -11.82
N TRP D 76 19.38 -18.46 -11.40
CA TRP D 76 18.28 -17.51 -11.52
C TRP D 76 18.74 -16.13 -12.06
N PRO D 77 19.95 -15.61 -11.71
CA PRO D 77 20.41 -14.32 -12.22
C PRO D 77 21.06 -14.43 -13.59
N PRO D 78 20.46 -13.79 -14.61
CA PRO D 78 20.96 -13.80 -15.98
C PRO D 78 22.10 -12.81 -16.19
N ALA D 79 22.28 -12.38 -17.43
CA ALA D 79 23.31 -11.43 -17.77
C ALA D 79 22.98 -10.03 -17.25
N SER D 80 21.84 -9.50 -17.68
CA SER D 80 21.43 -8.17 -17.29
C SER D 80 20.55 -8.20 -16.04
N ILE D 81 21.11 -7.77 -14.93
CA ILE D 81 20.39 -7.72 -13.66
C ILE D 81 20.72 -6.42 -12.92
N ALA D 82 19.80 -5.47 -12.95
CA ALA D 82 20.00 -4.20 -12.29
C ALA D 82 18.86 -3.89 -11.33
N ASP D 83 18.90 -2.70 -10.75
CA ASP D 83 17.88 -2.26 -9.81
C ASP D 83 17.20 -0.99 -10.32
N GLU D 84 16.23 -0.48 -9.59
CA GLU D 84 15.51 0.71 -10.01
C GLU D 84 16.04 1.95 -9.29
#